data_8SQT
#
_entry.id   8SQT
#
_cell.length_a   170.718
_cell.length_b   170.718
_cell.length_c   170.718
_cell.angle_alpha   90.00
_cell.angle_beta   90.00
_cell.angle_gamma   90.00
#
_symmetry.space_group_name_H-M   'F 4 3 2'
#
loop_
_entity.id
_entity.type
_entity.pdbx_description
1 polymer Bacterioferritin
2 non-polymer 'SULFATE ION'
3 non-polymer 'CHLORIDE ION'
4 non-polymer 'FE (II) ION'
5 non-polymer 'PROTOPORPHYRIN IX CONTAINING FE'
6 water water
#
_entity_poly.entity_id   1
_entity_poly.type   'polypeptide(L)'
_entity_poly.pdbx_seq_one_letter_code
;GPGSMKGEPKVIERLNEALLLELGAVNQYWLHYRLLNDWGYTRLAKKEREESIEEMHHADKLIDRIIFLEGFPNLQTVSP
LRIGQNVKEVLEADLKGEYDARASYKESREICDKLGDYVSKQLFDELLADEEGHIDFLETQLDLLAKIGGERYGQLNAAP
ADEAE
;
_entity_poly.pdbx_strand_id   A
#
loop_
_chem_comp.id
_chem_comp.type
_chem_comp.name
_chem_comp.formula
CL non-polymer 'CHLORIDE ION' 'Cl -1'
FE2 non-polymer 'FE (II) ION' 'Fe 2'
HEM non-polymer 'PROTOPORPHYRIN IX CONTAINING FE' 'C34 H32 Fe N4 O4'
SO4 non-polymer 'SULFATE ION' 'O4 S -2'
#
# COMPACT_ATOMS: atom_id res chain seq x y z
N SER A 4 -26.06 -7.73 17.93
CA SER A 4 -25.40 -9.07 17.92
C SER A 4 -24.22 -9.03 16.94
N MET A 5 -24.27 -8.07 16.00
CA MET A 5 -23.18 -7.86 15.06
C MET A 5 -21.97 -7.20 15.69
N LYS A 6 -22.01 -6.89 16.99
CA LYS A 6 -20.85 -6.35 17.68
C LYS A 6 -19.63 -7.25 17.47
N GLY A 7 -18.53 -6.65 17.03
CA GLY A 7 -17.37 -7.41 16.60
C GLY A 7 -16.37 -7.63 17.72
N GLU A 8 -15.46 -8.56 17.47
CA GLU A 8 -14.41 -8.80 18.43
C GLU A 8 -13.55 -7.56 18.53
N PRO A 9 -13.34 -7.03 19.73
CA PRO A 9 -12.51 -5.82 19.84
C PRO A 9 -11.11 -6.01 19.29
N LYS A 10 -10.53 -7.21 19.47
CA LYS A 10 -9.22 -7.51 18.87
C LYS A 10 -9.29 -7.45 17.34
N VAL A 11 -10.45 -7.77 16.77
CA VAL A 11 -10.56 -7.74 15.31
C VAL A 11 -10.64 -6.31 14.83
N ILE A 12 -11.43 -5.49 15.50
CA ILE A 12 -11.46 -4.08 15.18
C ILE A 12 -10.08 -3.45 15.35
N GLU A 13 -9.36 -3.79 16.43
CA GLU A 13 -8.00 -3.28 16.56
C GLU A 13 -7.18 -3.59 15.33
N ARG A 14 -7.29 -4.82 14.82
CA ARG A 14 -6.41 -5.18 13.71
C ARG A 14 -6.82 -4.44 12.46
N LEU A 15 -8.13 -4.22 12.29
CA LEU A 15 -8.58 -3.49 11.10
C LEU A 15 -8.14 -2.03 11.17
N ASN A 16 -8.15 -1.46 12.37
CA ASN A 16 -7.71 -0.07 12.50
C ASN A 16 -6.20 0.02 12.28
N GLU A 17 -5.46 -0.99 12.76
CA GLU A 17 -4.03 -1.10 12.45
C GLU A 17 -3.79 -1.19 10.95
N ALA A 18 -4.60 -1.97 10.24
CA ALA A 18 -4.48 -2.02 8.79
C ALA A 18 -4.84 -0.67 8.17
N LEU A 19 -5.90 -0.06 8.65
CA LEU A 19 -6.28 1.25 8.14
C LEU A 19 -5.14 2.26 8.29
N LEU A 20 -4.50 2.30 9.45
CA LEU A 20 -3.38 3.24 9.64
C LEU A 20 -2.29 3.01 8.59
N LEU A 21 -1.99 1.75 8.30
CA LEU A 21 -0.97 1.46 7.29
C LEU A 21 -1.43 1.85 5.90
N GLU A 22 -2.72 1.64 5.60
CA GLU A 22 -3.20 1.96 4.27
C GLU A 22 -3.18 3.45 4.02
N LEU A 23 -3.65 4.22 5.00
CA LEU A 23 -3.65 5.67 4.88
C LEU A 23 -2.24 6.19 4.65
N GLY A 24 -1.26 5.65 5.40
CA GLY A 24 0.12 5.98 5.12
C GLY A 24 0.51 5.65 3.69
N ALA A 25 0.15 4.46 3.22
CA ALA A 25 0.53 4.07 1.87
C ALA A 25 -0.11 4.98 0.84
N VAL A 26 -1.38 5.32 1.04
CA VAL A 26 -2.06 6.26 0.14
C VAL A 26 -1.26 7.55 0.02
N ASN A 27 -0.86 8.12 1.15
CA ASN A 27 -0.12 9.39 1.14
C ASN A 27 1.28 9.21 0.54
N GLN A 28 1.98 8.13 0.91
CA GLN A 28 3.31 7.88 0.36
C GLN A 28 3.28 7.73 -1.15
N TYR A 29 2.32 6.98 -1.68
CA TYR A 29 2.29 6.79 -3.11
C TYR A 29 1.95 8.08 -3.81
N TRP A 30 1.05 8.86 -3.23
CA TRP A 30 0.65 10.07 -3.90
C TRP A 30 1.81 11.06 -3.96
N LEU A 31 2.57 11.15 -2.88
CA LEU A 31 3.69 12.10 -2.88
C LEU A 31 4.76 11.63 -3.83
N HIS A 32 4.98 10.31 -3.90
CA HIS A 32 5.92 9.78 -4.88
C HIS A 32 5.47 10.11 -6.31
N TYR A 33 4.17 10.01 -6.58
CA TYR A 33 3.62 10.40 -7.87
C TYR A 33 4.03 11.84 -8.21
N ARG A 34 3.70 12.78 -7.34
CA ARG A 34 4.04 14.18 -7.62
C ARG A 34 5.54 14.39 -7.70
N LEU A 35 6.30 13.75 -6.82
CA LEU A 35 7.76 13.92 -6.89
C LEU A 35 8.30 13.35 -8.20
N LEU A 36 7.90 12.12 -8.53
CA LEU A 36 8.40 11.52 -9.75
C LEU A 36 8.06 12.40 -10.92
N ASN A 37 6.89 13.03 -10.85
CA ASN A 37 6.50 13.89 -11.95
C ASN A 37 7.43 15.09 -12.06
N ASP A 38 7.71 15.74 -10.93
CA ASP A 38 8.57 16.92 -10.94
C ASP A 38 9.95 16.59 -11.46
N TRP A 39 10.40 15.35 -11.29
CA TRP A 39 11.72 14.96 -11.75
C TRP A 39 11.73 14.53 -13.21
N GLY A 40 10.57 14.33 -13.84
CA GLY A 40 10.51 13.98 -15.24
C GLY A 40 10.10 12.56 -15.51
N TYR A 41 9.95 11.73 -14.48
CA TYR A 41 9.67 10.32 -14.66
C TYR A 41 8.15 10.09 -14.68
N THR A 42 7.57 10.61 -15.76
CA THR A 42 6.12 10.70 -15.85
C THR A 42 5.43 9.34 -16.01
N ARG A 43 6.06 8.36 -16.68
CA ARG A 43 5.45 7.04 -16.80
C ARG A 43 5.44 6.30 -15.46
N LEU A 44 6.51 6.42 -14.68
CA LEU A 44 6.49 5.79 -13.37
C LEU A 44 5.58 6.54 -12.42
N ALA A 45 5.56 7.87 -12.56
CA ALA A 45 4.63 8.69 -11.78
C ALA A 45 3.20 8.25 -11.97
N LYS A 46 2.81 7.98 -13.22
CA LYS A 46 1.45 7.53 -13.45
C LYS A 46 1.16 6.25 -12.71
N LYS A 47 2.08 5.26 -12.76
CA LYS A 47 1.80 4.00 -12.07
C LYS A 47 1.67 4.23 -10.58
N GLU A 48 2.41 5.19 -10.06
CA GLU A 48 2.37 5.48 -8.64
C GLU A 48 1.02 6.08 -8.25
N ARG A 49 0.46 6.95 -9.08
CA ARG A 49 -0.89 7.47 -8.86
C ARG A 49 -1.90 6.35 -8.78
N GLU A 50 -1.85 5.41 -9.74
CA GLU A 50 -2.79 4.28 -9.73
C GLU A 50 -2.65 3.45 -8.46
N GLU A 51 -1.42 3.22 -8.02
CA GLU A 51 -1.20 2.48 -6.79
C GLU A 51 -1.81 3.22 -5.60
N SER A 52 -1.63 4.53 -5.56
CA SER A 52 -2.25 5.31 -4.50
C SER A 52 -3.74 5.09 -4.49
N ILE A 53 -4.35 5.13 -5.68
CA ILE A 53 -5.80 5.01 -5.72
C ILE A 53 -6.24 3.61 -5.32
N GLU A 54 -5.45 2.58 -5.63
CA GLU A 54 -5.82 1.23 -5.20
C GLU A 54 -5.80 1.12 -3.67
N GLU A 55 -4.80 1.73 -3.01
CA GLU A 55 -4.77 1.75 -1.55
C GLU A 55 -5.95 2.53 -0.98
N MET A 56 -6.34 3.62 -1.64
CA MET A 56 -7.54 4.33 -1.24
C MET A 56 -8.71 3.36 -1.18
N HIS A 57 -8.84 2.52 -2.20
CA HIS A 57 -9.96 1.59 -2.19
C HIS A 57 -9.82 0.59 -1.05
N HIS A 58 -8.59 0.15 -0.76
CA HIS A 58 -8.42 -0.76 0.37
C HIS A 58 -8.81 -0.09 1.66
N ALA A 59 -8.44 1.18 1.81
CA ALA A 59 -8.78 1.88 3.03
C ALA A 59 -10.28 2.01 3.18
N ASP A 60 -10.99 2.26 2.09
CA ASP A 60 -12.46 2.34 2.13
C ASP A 60 -13.08 1.01 2.53
N LYS A 61 -12.50 -0.12 2.08
CA LYS A 61 -13.03 -1.43 2.50
C LYS A 61 -12.86 -1.66 4.01
N LEU A 62 -11.76 -1.21 4.58
CA LEU A 62 -11.51 -1.43 5.99
C LEU A 62 -12.45 -0.60 6.85
N ILE A 63 -12.64 0.65 6.45
CA ILE A 63 -13.58 1.52 7.16
C ILE A 63 -14.95 0.90 7.17
N ASP A 64 -15.42 0.40 6.02
CA ASP A 64 -16.76 -0.16 5.98
C ASP A 64 -16.87 -1.37 6.90
N ARG A 65 -15.86 -2.23 6.89
CA ARG A 65 -15.90 -3.41 7.75
C ARG A 65 -15.85 -3.00 9.21
N ILE A 66 -15.09 -1.96 9.54
CA ILE A 66 -15.00 -1.52 10.92
C ILE A 66 -16.34 -0.99 11.40
N ILE A 67 -16.98 -0.14 10.61
CA ILE A 67 -18.28 0.44 10.99
C ILE A 67 -19.36 -0.63 11.03
N PHE A 68 -19.27 -1.63 10.16
CA PHE A 68 -20.23 -2.74 10.20
C PHE A 68 -20.11 -3.52 11.49
N LEU A 69 -18.88 -3.73 11.96
CA LEU A 69 -18.66 -4.39 13.23
C LEU A 69 -18.89 -3.45 14.39
N GLU A 70 -19.45 -2.28 14.14
CA GLU A 70 -19.80 -1.33 15.19
C GLU A 70 -18.58 -0.86 15.96
N GLY A 71 -17.41 -0.96 15.35
CA GLY A 71 -16.23 -0.26 15.82
C GLY A 71 -16.16 1.15 15.24
N PHE A 72 -15.16 1.91 15.66
CA PHE A 72 -15.01 3.28 15.20
C PHE A 72 -13.71 3.44 14.44
N PRO A 73 -13.72 3.69 13.15
CA PRO A 73 -12.46 3.74 12.39
C PRO A 73 -11.65 4.99 12.72
N ASN A 74 -10.32 4.80 12.89
CA ASN A 74 -9.42 5.90 13.21
C ASN A 74 -8.77 6.39 11.93
N LEU A 75 -9.13 7.59 11.52
CA LEU A 75 -8.47 8.24 10.40
C LEU A 75 -7.60 9.40 10.87
N GLN A 76 -7.51 9.59 12.19
CA GLN A 76 -6.92 10.80 12.77
C GLN A 76 -5.41 10.82 12.63
N THR A 77 -4.79 9.66 12.55
CA THR A 77 -3.35 9.56 12.49
C THR A 77 -2.96 8.65 11.32
N VAL A 78 -1.78 8.92 10.79
CA VAL A 78 -1.25 8.27 9.60
C VAL A 78 0.08 7.65 9.97
N SER A 79 0.34 6.47 9.43
CA SER A 79 1.57 5.79 9.77
C SER A 79 2.74 6.53 9.14
N PRO A 80 3.94 6.30 9.66
CA PRO A 80 5.09 7.12 9.24
C PRO A 80 5.46 6.82 7.80
N LEU A 81 5.69 7.89 7.03
CA LEU A 81 5.90 7.79 5.60
C LEU A 81 7.38 7.62 5.29
N ARG A 82 7.67 6.84 4.24
CA ARG A 82 9.00 6.70 3.67
C ARG A 82 9.07 7.44 2.34
N ILE A 83 9.92 8.47 2.26
CA ILE A 83 9.94 9.39 1.12
C ILE A 83 11.28 9.33 0.43
N GLY A 84 11.31 8.78 -0.78
CA GLY A 84 12.55 8.69 -1.51
C GLY A 84 12.99 10.03 -2.09
N GLN A 85 14.28 10.08 -2.46
CA GLN A 85 14.89 11.26 -3.09
C GLN A 85 15.45 10.97 -4.47
N ASN A 86 15.30 9.75 -4.98
CA ASN A 86 15.52 9.45 -6.38
C ASN A 86 14.73 8.19 -6.70
N VAL A 87 14.79 7.76 -7.96
CA VAL A 87 13.91 6.69 -8.42
C VAL A 87 14.11 5.44 -7.56
N LYS A 88 15.33 4.93 -7.48
CA LYS A 88 15.52 3.68 -6.77
C LYS A 88 15.03 3.78 -5.33
N GLU A 89 15.30 4.90 -4.66
CA GLU A 89 14.87 5.05 -3.29
C GLU A 89 13.35 5.09 -3.20
N VAL A 90 12.71 5.65 -4.22
CA VAL A 90 11.25 5.67 -4.22
C VAL A 90 10.73 4.23 -4.32
N LEU A 91 11.27 3.45 -5.25
CA LEU A 91 10.85 2.08 -5.37
C LEU A 91 11.13 1.29 -4.10
N GLU A 92 12.28 1.54 -3.46
CA GLU A 92 12.63 0.76 -2.27
C GLU A 92 11.82 1.21 -1.07
N ALA A 93 11.47 2.50 -1.02
CA ALA A 93 10.61 2.96 0.06
C ALA A 93 9.24 2.33 -0.03
N ASP A 94 8.71 2.21 -1.25
CA ASP A 94 7.43 1.55 -1.46
C ASP A 94 7.50 0.07 -1.12
N LEU A 95 8.55 -0.61 -1.58
CA LEU A 95 8.67 -2.02 -1.28
C LEU A 95 8.66 -2.26 0.22
N LYS A 96 9.51 -1.52 0.97
CA LYS A 96 9.55 -1.70 2.42
C LYS A 96 8.18 -1.51 3.04
N GLY A 97 7.37 -0.60 2.50
CA GLY A 97 6.03 -0.41 3.01
C GLY A 97 5.11 -1.59 2.74
N GLU A 98 5.25 -2.20 1.56
CA GLU A 98 4.39 -3.34 1.22
C GLU A 98 4.72 -4.55 2.09
N TYR A 99 5.99 -4.74 2.39
CA TYR A 99 6.38 -5.86 3.25
C TYR A 99 5.86 -5.66 4.65
N ASP A 100 5.89 -4.42 5.14
CA ASP A 100 5.25 -4.09 6.40
C ASP A 100 3.77 -4.47 6.36
N ALA A 101 3.07 -4.07 5.29
CA ALA A 101 1.66 -4.39 5.21
C ALA A 101 1.43 -5.88 5.14
N ARG A 102 2.21 -6.59 4.30
CA ARG A 102 2.11 -8.05 4.23
C ARG A 102 2.12 -8.66 5.63
N ALA A 103 3.10 -8.28 6.45
CA ALA A 103 3.23 -8.91 7.75
C ALA A 103 2.07 -8.58 8.67
N SER A 104 1.53 -7.35 8.60
CA SER A 104 0.42 -7.02 9.48
C SER A 104 -0.84 -7.78 9.08
N TYR A 105 -1.00 -8.02 7.79
CA TYR A 105 -2.20 -8.73 7.30
C TYR A 105 -2.04 -10.23 7.57
N LYS A 106 -0.82 -10.75 7.43
CA LYS A 106 -0.59 -12.15 7.79
C LYS A 106 -0.98 -12.38 9.25
N GLU A 107 -0.44 -11.59 10.17
CA GLU A 107 -0.84 -11.64 11.57
C GLU A 107 -2.35 -11.51 11.74
N SER A 108 -2.97 -10.60 10.99
CA SER A 108 -4.37 -10.28 11.24
C SER A 108 -5.32 -11.39 10.80
N ARG A 109 -5.02 -12.07 9.69
CA ARG A 109 -5.95 -13.12 9.26
C ARG A 109 -5.90 -14.28 10.24
N GLU A 110 -4.74 -14.52 10.85
CA GLU A 110 -4.63 -15.55 11.87
C GLU A 110 -5.44 -15.17 13.11
N ILE A 111 -5.39 -13.90 13.51
CA ILE A 111 -6.18 -13.48 14.66
C ILE A 111 -7.67 -13.62 14.38
N CYS A 112 -8.12 -13.20 13.19
CA CYS A 112 -9.53 -13.36 12.85
C CYS A 112 -9.93 -14.83 12.84
N ASP A 113 -9.10 -15.68 12.23
CA ASP A 113 -9.36 -17.11 12.19
C ASP A 113 -9.55 -17.69 13.61
N LYS A 114 -8.62 -17.41 14.52
CA LYS A 114 -8.70 -17.99 15.85
C LYS A 114 -9.97 -17.56 16.57
N LEU A 115 -10.42 -16.35 16.32
CA LEU A 115 -11.58 -15.81 17.03
C LEU A 115 -12.88 -16.02 16.30
N GLY A 116 -12.85 -16.65 15.12
CA GLY A 116 -14.07 -17.08 14.46
C GLY A 116 -14.72 -16.04 13.56
N ASP A 117 -14.01 -14.95 13.23
CA ASP A 117 -14.56 -13.93 12.34
C ASP A 117 -14.00 -14.22 10.97
N TYR A 118 -14.67 -15.15 10.30
CA TYR A 118 -14.16 -15.66 9.04
C TYR A 118 -14.35 -14.65 7.92
N VAL A 119 -15.37 -13.80 7.99
CA VAL A 119 -15.51 -12.84 6.91
C VAL A 119 -14.38 -11.81 7.00
N SER A 120 -13.97 -11.42 8.21
CA SER A 120 -12.83 -10.52 8.29
C SER A 120 -11.55 -11.21 7.87
N LYS A 121 -11.36 -12.47 8.29
CA LYS A 121 -10.27 -13.27 7.75
C LYS A 121 -10.18 -13.13 6.25
N GLN A 122 -11.31 -13.36 5.55
CA GLN A 122 -11.33 -13.26 4.09
C GLN A 122 -10.91 -11.89 3.62
N LEU A 123 -11.23 -10.86 4.40
CA LEU A 123 -10.85 -9.53 3.95
C LEU A 123 -9.35 -9.35 4.01
N PHE A 124 -8.73 -9.85 5.07
CA PHE A 124 -7.27 -9.76 5.18
C PHE A 124 -6.59 -10.63 4.12
N ASP A 125 -7.16 -11.80 3.83
CA ASP A 125 -6.54 -12.65 2.83
C ASP A 125 -6.56 -11.97 1.47
N GLU A 126 -7.58 -11.14 1.20
CA GLU A 126 -7.62 -10.45 -0.09
C GLU A 126 -6.63 -9.30 -0.12
N LEU A 127 -6.48 -8.59 0.99
CA LEU A 127 -5.47 -7.55 1.03
C LEU A 127 -4.10 -8.17 0.91
N LEU A 128 -3.92 -9.38 1.45
CA LEU A 128 -2.62 -10.02 1.42
C LEU A 128 -2.21 -10.34 0.00
N ALA A 129 -3.12 -10.93 -0.78
CA ALA A 129 -2.79 -11.26 -2.15
C ALA A 129 -2.60 -10.02 -3.00
N ASP A 130 -3.31 -8.94 -2.69
CA ASP A 130 -3.06 -7.70 -3.41
C ASP A 130 -1.67 -7.19 -3.11
N GLU A 131 -1.26 -7.23 -1.84
CA GLU A 131 0.06 -6.73 -1.48
C GLU A 131 1.16 -7.52 -2.16
N GLU A 132 1.03 -8.85 -2.15
CA GLU A 132 2.05 -9.66 -2.83
C GLU A 132 2.03 -9.36 -4.34
N GLY A 133 0.89 -8.91 -4.86
CA GLY A 133 0.87 -8.38 -6.21
C GLY A 133 1.77 -7.16 -6.33
N HIS A 134 1.54 -6.17 -5.48
CA HIS A 134 2.34 -4.92 -5.51
C HIS A 134 3.80 -5.28 -5.27
N ILE A 135 4.05 -6.29 -4.46
CA ILE A 135 5.41 -6.66 -4.16
C ILE A 135 6.08 -7.30 -5.37
N ASP A 136 5.38 -8.19 -6.08
CA ASP A 136 5.94 -8.73 -7.31
C ASP A 136 6.32 -7.61 -8.28
N PHE A 137 5.43 -6.64 -8.44
CA PHE A 137 5.68 -5.57 -9.41
C PHE A 137 6.95 -4.81 -9.07
N LEU A 138 7.09 -4.42 -7.79
CA LEU A 138 8.21 -3.59 -7.36
C LEU A 138 9.53 -4.35 -7.42
N GLU A 139 9.54 -5.59 -6.95
CA GLU A 139 10.77 -6.37 -7.05
C GLU A 139 11.20 -6.53 -8.50
N THR A 140 10.24 -6.68 -9.42
CA THR A 140 10.61 -6.79 -10.82
C THR A 140 11.20 -5.49 -11.34
N GLN A 141 10.63 -4.37 -10.95
CA GLN A 141 11.14 -3.08 -11.42
C GLN A 141 12.53 -2.82 -10.88
N LEU A 142 12.76 -3.14 -9.61
CA LEU A 142 14.08 -2.99 -9.03
C LEU A 142 15.09 -3.94 -9.67
N ASP A 143 14.68 -5.16 -10.01
CA ASP A 143 15.63 -6.00 -10.71
C ASP A 143 15.98 -5.40 -12.07
N LEU A 144 14.98 -4.87 -12.78
CA LEU A 144 15.24 -4.26 -14.07
C LEU A 144 16.18 -3.08 -13.91
N LEU A 145 15.87 -2.18 -12.97
CA LEU A 145 16.74 -1.07 -12.68
C LEU A 145 18.16 -1.54 -12.43
N ALA A 146 18.31 -2.63 -11.70
CA ALA A 146 19.65 -3.12 -11.40
C ALA A 146 20.35 -3.63 -12.66
N LYS A 147 19.64 -4.32 -13.53
CA LYS A 147 20.30 -4.92 -14.70
C LYS A 147 20.53 -3.91 -15.82
N ILE A 148 19.67 -2.88 -16.00
CA ILE A 148 19.96 -1.89 -17.05
C ILE A 148 20.55 -0.59 -16.49
N GLY A 149 20.55 -0.41 -15.19
CA GLY A 149 21.18 0.79 -14.64
C GLY A 149 20.16 1.91 -14.44
N GLY A 150 20.41 2.71 -13.39
CA GLY A 150 19.42 3.72 -12.99
C GLY A 150 19.08 4.73 -14.08
N GLU A 151 20.09 5.18 -14.83
CA GLU A 151 19.86 6.23 -15.82
C GLU A 151 19.02 5.74 -17.00
N ARG A 152 19.24 4.49 -17.43
CA ARG A 152 18.38 3.96 -18.49
C ARG A 152 17.01 3.58 -17.97
N TYR A 153 16.92 3.15 -16.71
CA TYR A 153 15.60 2.92 -16.14
C TYR A 153 14.85 4.23 -16.03
N GLY A 154 15.55 5.30 -15.65
CA GLY A 154 14.91 6.60 -15.59
C GLY A 154 14.42 7.06 -16.94
N GLN A 155 15.25 6.90 -17.98
CA GLN A 155 14.87 7.31 -19.32
C GLN A 155 13.65 6.57 -19.81
N LEU A 156 13.63 5.24 -19.59
CA LEU A 156 12.50 4.41 -19.98
C LEU A 156 11.21 4.89 -19.36
N ASN A 157 11.28 5.36 -18.12
CA ASN A 157 10.07 5.76 -17.41
C ASN A 157 9.82 7.25 -17.49
N ALA A 158 10.40 7.91 -18.49
CA ALA A 158 10.22 9.33 -18.73
C ALA A 158 9.57 9.54 -20.09
N ALA A 159 8.86 10.62 -20.21
CA ALA A 159 8.24 10.90 -21.49
C ALA A 159 9.05 11.92 -22.27
N PRO A 160 8.98 11.89 -23.60
CA PRO A 160 9.53 12.99 -24.36
C PRO A 160 8.81 14.29 -24.00
N ALA A 161 9.44 15.39 -24.35
CA ALA A 161 8.97 16.72 -23.94
C ALA A 161 7.67 17.11 -24.61
N ASP A 162 7.34 16.57 -25.78
CA ASP A 162 6.05 16.88 -26.40
C ASP A 162 4.88 16.10 -25.81
N GLU A 163 5.08 15.30 -24.76
CA GLU A 163 3.96 14.64 -24.09
C GLU A 163 3.87 15.15 -22.67
S SO4 B . 13.50 1.02 7.20
O1 SO4 B . 12.94 1.25 8.58
O2 SO4 B . 13.33 2.24 6.36
O3 SO4 B . 14.97 0.69 7.26
O4 SO4 B . 12.81 -0.17 6.61
S SO4 C . -8.99 -21.06 5.60
O1 SO4 C . -9.64 -19.83 5.05
O2 SO4 C . -7.92 -20.68 6.60
O3 SO4 C . -8.37 -21.83 4.48
O4 SO4 C . -10.00 -21.91 6.29
CL CL D . 22.28 4.39 -22.95
CL CL E . 26.41 4.43 -21.52
FE FE2 F . -3.19 -1.91 0.55
FE FE2 G . -0.26 -2.21 -1.34
FE FE2 H . -1.79 -2.54 -9.12
CHA HEM I . -10.18 9.29 -6.01
CHB HEM I . -10.93 7.40 -1.57
CHC HEM I . -7.00 9.75 0.04
CHD HEM I . -6.53 11.99 -4.26
C1A HEM I . -10.68 8.49 -4.97
C2A HEM I . -11.65 7.44 -5.11
C3A HEM I . -11.86 6.92 -3.90
C4A HEM I . -11.02 7.62 -2.94
CMA HEM I . -12.83 5.76 -3.58
CAA HEM I . -12.35 6.98 -6.41
CBA HEM I . -13.17 8.10 -7.04
CGA HEM I . -13.47 7.74 -8.48
O1A HEM I . -12.51 7.74 -9.30
O2A HEM I . -14.67 7.45 -8.78
C1B HEM I . -9.98 7.92 -0.72
C2B HEM I . -9.93 7.78 0.72
C3B HEM I . -8.85 8.41 1.18
C4B HEM I . -8.17 9.01 0.03
CMB HEM I . -10.98 7.00 1.55
CAB HEM I . -8.41 8.54 2.65
CBB HEM I . -9.18 8.14 3.67
C1C HEM I . -6.54 10.60 -0.95
C2C HEM I . -5.50 11.60 -0.82
C3C HEM I . -5.35 12.22 -1.99
C4C HEM I . -6.31 11.64 -2.94
CMC HEM I . -4.66 11.89 0.45
CAC HEM I . -4.33 13.34 -2.23
CBC HEM I . -4.42 14.14 -3.30
C1D HEM I . -7.53 11.51 -5.10
C2D HEM I . -7.90 12.01 -6.41
C3D HEM I . -8.92 11.28 -6.90
C4D HEM I . -9.21 10.26 -5.90
CMD HEM I . -7.25 13.22 -7.12
CAD HEM I . -9.62 11.46 -8.27
CBD HEM I . -11.05 11.98 -8.14
CGD HEM I . -11.60 12.31 -9.51
O1D HEM I . -12.52 13.20 -9.63
O2D HEM I . -11.09 11.71 -10.48
NA HEM I . -10.31 8.59 -3.65
NB HEM I . -8.89 8.68 -1.10
NC HEM I . -7.01 10.66 -2.25
ND HEM I . -8.35 10.43 -4.83
FE HEM I . -8.59 9.66 -2.81
#